data_3HG9
#
_entry.id   3HG9
#
_cell.length_a   64.516
_cell.length_b   64.516
_cell.length_c   143.134
_cell.angle_alpha   90.000
_cell.angle_beta   90.000
_cell.angle_gamma   120.000
#
_symmetry.space_group_name_H-M   'P 62'
#
loop_
_entity.id
_entity.type
_entity.pdbx_description
1 polymer PilM
2 non-polymer 'NICKEL (II) ION'
3 water water
#
_entity_poly.entity_id   1
_entity_poly.type   'polypeptide(L)'
_entity_poly.pdbx_seq_one_letter_code
;MSLTSSAELAEVDTLARSLLLYRSRLAEYAHANPGFSGSPADSALGLPAWFRKPVRLQGYIAAGTSYAFIASPPAGLAAA
VDTGTESDLVGVRRNGQLVTRRLGATAIALPAPIPEGAVVAVKEGHHHHHH
;
_entity_poly.pdbx_strand_id   A,B
#
loop_
_chem_comp.id
_chem_comp.type
_chem_comp.name
_chem_comp.formula
NI non-polymer 'NICKEL (II) ION' 'Ni 2'
#
# COMPACT_ATOMS: atom_id res chain seq x y z
N LEU A 9 -8.08 -12.68 -24.97
CA LEU A 9 -8.86 -13.55 -24.04
C LEU A 9 -9.40 -12.78 -22.85
N ALA A 10 -8.46 -12.21 -22.09
CA ALA A 10 -8.74 -11.73 -20.75
C ALA A 10 -8.69 -10.24 -20.74
N GLU A 11 -9.88 -9.65 -20.71
CA GLU A 11 -9.96 -8.25 -20.42
C GLU A 11 -11.01 -8.01 -19.36
N VAL A 12 -10.87 -8.79 -18.30
CA VAL A 12 -11.26 -8.37 -16.96
C VAL A 12 -10.34 -7.27 -16.48
N ASP A 13 -9.33 -6.96 -17.32
CA ASP A 13 -8.45 -5.83 -17.09
C ASP A 13 -9.23 -4.51 -17.01
N THR A 14 -10.15 -4.29 -17.94
CA THR A 14 -10.92 -3.05 -17.98
C THR A 14 -11.79 -3.10 -16.73
N LEU A 15 -12.08 -4.30 -16.19
CA LEU A 15 -12.90 -4.34 -14.98
C LEU A 15 -12.05 -4.05 -13.76
N ALA A 16 -10.77 -4.44 -13.83
CA ALA A 16 -9.84 -4.17 -12.74
C ALA A 16 -9.64 -2.66 -12.66
N ARG A 17 -9.40 -2.03 -13.80
CA ARG A 17 -9.10 -0.61 -13.86
C ARG A 17 -10.28 0.24 -13.30
N SER A 18 -11.50 -0.22 -13.61
CA SER A 18 -12.75 0.39 -13.15
C SER A 18 -12.89 0.36 -11.58
N LEU A 19 -12.55 -0.79 -11.01
CA LEU A 19 -12.47 -0.90 -9.58
C LEU A 19 -11.41 0.06 -8.99
N LEU A 20 -10.20 0.15 -9.59
CA LEU A 20 -9.11 1.06 -9.10
C LEU A 20 -9.41 2.54 -9.37
N LEU A 21 -9.84 2.81 -10.59
CA LEU A 21 -10.44 4.09 -10.87
C LEU A 21 -11.45 4.40 -9.75
N TYR A 22 -12.32 3.42 -9.47
CA TYR A 22 -13.38 3.65 -8.45
C TYR A 22 -12.77 3.80 -7.08
N ARG A 23 -11.82 2.95 -6.68
CA ARG A 23 -11.18 3.15 -5.38
C ARG A 23 -10.50 4.53 -5.22
N SER A 24 -9.88 5.03 -6.29
CA SER A 24 -9.23 6.38 -6.20
C SER A 24 -10.17 7.54 -5.75
N ARG A 25 -11.33 7.74 -6.40
CA ARG A 25 -12.27 8.85 -6.07
C ARG A 25 -13.00 8.56 -4.76
N LEU A 26 -13.04 7.30 -4.36
CA LEU A 26 -13.49 6.95 -3.04
C LEU A 26 -12.52 7.52 -2.03
N ALA A 27 -11.20 7.25 -2.20
CA ALA A 27 -10.17 7.80 -1.32
C ALA A 27 -10.25 9.34 -1.35
N GLU A 28 -10.26 9.94 -2.52
CA GLU A 28 -10.28 11.40 -2.55
C GLU A 28 -11.51 12.00 -1.80
N TYR A 29 -12.53 11.18 -1.59
CA TYR A 29 -13.79 11.65 -0.99
C TYR A 29 -13.61 11.67 0.51
N ALA A 30 -13.14 10.55 1.07
CA ALA A 30 -12.63 10.53 2.44
C ALA A 30 -11.78 11.80 2.81
N HIS A 31 -10.71 12.10 2.04
CA HIS A 31 -9.83 13.27 2.33
C HIS A 31 -10.59 14.54 2.77
N ALA A 32 -11.85 14.65 2.31
CA ALA A 32 -12.72 15.81 2.56
C ALA A 32 -13.98 15.42 3.35
N ASN A 33 -14.19 14.12 3.59
CA ASN A 33 -15.20 13.69 4.55
C ASN A 33 -14.55 12.95 5.68
N PRO A 34 -14.00 13.70 6.62
CA PRO A 34 -13.47 13.03 7.78
C PRO A 34 -14.67 12.38 8.54
N GLY A 35 -14.40 11.67 9.63
CA GLY A 35 -15.39 10.94 10.41
C GLY A 35 -16.66 10.51 9.69
N PHE A 36 -16.51 9.73 8.61
CA PHE A 36 -17.64 9.22 7.84
C PHE A 36 -17.39 7.76 7.50
N SER A 37 -18.45 7.06 7.06
CA SER A 37 -18.39 5.63 6.73
C SER A 37 -19.58 5.15 5.88
N GLY A 38 -19.41 5.04 4.56
CA GLY A 38 -20.59 5.06 3.67
C GLY A 38 -20.73 4.15 2.47
N SER A 39 -21.35 4.68 1.42
CA SER A 39 -21.14 4.30 -0.02
C SER A 39 -21.41 5.57 -0.89
N PRO A 40 -20.78 6.66 -0.47
CA PRO A 40 -20.95 8.12 -0.67
C PRO A 40 -22.12 8.58 -1.57
N ALA A 41 -22.41 7.79 -2.61
CA ALA A 41 -23.35 8.05 -3.78
C ALA A 41 -22.44 8.09 -4.98
N ASP A 42 -22.96 8.03 -6.17
CA ASP A 42 -22.08 8.22 -7.34
C ASP A 42 -22.00 9.70 -7.82
N SER A 43 -23.09 10.44 -7.68
CA SER A 43 -22.98 11.87 -7.46
C SER A 43 -22.31 12.07 -6.09
N ALA A 44 -21.56 13.17 -5.91
CA ALA A 44 -20.74 13.44 -4.72
C ALA A 44 -19.32 12.87 -4.94
N LEU A 45 -19.23 11.71 -5.61
CA LEU A 45 -17.90 11.08 -5.94
C LEU A 45 -17.05 11.73 -7.02
N GLY A 46 -17.66 12.29 -8.07
CA GLY A 46 -16.86 13.05 -9.08
C GLY A 46 -16.38 12.23 -10.28
N LEU A 47 -16.87 11.00 -10.35
CA LEU A 47 -16.53 10.05 -11.39
C LEU A 47 -16.94 10.49 -12.83
N PRO A 48 -16.04 10.30 -13.82
CA PRO A 48 -15.94 10.78 -15.20
C PRO A 48 -17.16 11.36 -15.86
N ALA A 49 -18.27 10.63 -15.72
CA ALA A 49 -19.57 11.02 -16.29
C ALA A 49 -19.88 10.07 -17.42
N TRP A 50 -18.86 9.83 -18.26
CA TRP A 50 -18.84 8.79 -19.31
C TRP A 50 -18.69 7.35 -18.78
N PHE A 51 -18.29 7.24 -17.51
CA PHE A 51 -18.04 5.98 -16.79
C PHE A 51 -19.28 5.54 -16.12
N ARG A 52 -19.66 4.31 -16.43
CA ARG A 52 -20.94 3.80 -15.97
C ARG A 52 -20.63 2.60 -15.05
N LYS A 53 -20.87 2.79 -13.73
CA LYS A 53 -20.33 1.91 -12.66
C LYS A 53 -21.12 0.60 -12.60
N PRO A 54 -20.48 -0.52 -12.99
CA PRO A 54 -21.17 -1.80 -12.92
C PRO A 54 -21.72 -2.07 -11.50
N VAL A 55 -22.96 -1.72 -11.25
CA VAL A 55 -23.60 -2.23 -10.05
C VAL A 55 -22.97 -3.60 -9.79
N ARG A 56 -22.44 -3.88 -8.59
CA ARG A 56 -21.63 -5.08 -8.26
C ARG A 56 -20.20 -4.62 -7.90
N LEU A 57 -19.88 -3.42 -8.36
CA LEU A 57 -18.73 -2.69 -7.92
C LEU A 57 -19.13 -1.74 -6.81
N GLN A 58 -18.83 -2.13 -5.58
CA GLN A 58 -19.28 -1.35 -4.44
C GLN A 58 -18.20 -0.66 -3.67
N GLY A 59 -18.57 0.28 -2.83
CA GLY A 59 -17.57 0.91 -1.97
C GLY A 59 -17.98 1.31 -0.58
N TYR A 60 -16.99 1.44 0.29
CA TYR A 60 -17.21 1.73 1.70
C TYR A 60 -16.05 2.41 2.37
N ILE A 61 -16.29 3.60 2.88
CA ILE A 61 -15.35 4.28 3.76
C ILE A 61 -15.72 3.99 5.21
N ALA A 62 -14.75 3.44 5.96
CA ALA A 62 -14.95 2.91 7.31
C ALA A 62 -13.84 3.47 8.15
N ALA A 63 -14.22 4.12 9.26
CA ALA A 63 -13.36 5.05 10.03
C ALA A 63 -12.69 6.09 9.09
N GLY A 64 -12.37 5.59 7.88
CA GLY A 64 -11.45 6.23 6.93
C GLY A 64 -10.44 5.16 6.46
N THR A 65 -10.42 4.94 5.15
CA THR A 65 -9.92 3.70 4.58
C THR A 65 -10.88 3.14 3.53
N SER A 66 -10.55 3.37 2.27
CA SER A 66 -11.41 2.98 1.19
C SER A 66 -11.26 1.53 0.85
N TYR A 67 -12.42 0.89 0.70
CA TYR A 67 -12.53 -0.49 0.32
C TYR A 67 -13.39 -0.44 -0.92
N ALA A 68 -12.88 -1.00 -2.02
CA ALA A 68 -13.69 -1.11 -3.23
C ALA A 68 -13.77 -2.61 -3.54
N PHE A 69 -14.99 -3.12 -3.82
CA PHE A 69 -15.12 -4.53 -3.96
C PHE A 69 -16.08 -5.04 -4.97
N ILE A 70 -15.85 -6.30 -5.32
CA ILE A 70 -16.71 -7.05 -6.20
C ILE A 70 -17.03 -8.40 -5.58
N ALA A 71 -18.26 -8.51 -5.10
CA ALA A 71 -18.76 -9.67 -4.36
C ALA A 71 -18.87 -11.06 -5.07
N SER A 72 -19.11 -11.11 -6.37
CA SER A 72 -19.22 -12.44 -6.99
C SER A 72 -18.22 -12.48 -8.08
N PRO A 73 -16.96 -12.28 -7.72
CA PRO A 73 -16.05 -11.74 -8.71
C PRO A 73 -15.60 -12.79 -9.74
N PRO A 74 -15.69 -12.44 -11.05
CA PRO A 74 -15.20 -13.27 -12.14
C PRO A 74 -13.81 -13.74 -11.89
N ALA A 75 -13.54 -15.01 -12.14
CA ALA A 75 -12.17 -15.48 -11.98
C ALA A 75 -11.32 -14.64 -12.95
N GLY A 76 -10.03 -14.49 -12.68
CA GLY A 76 -9.17 -13.55 -13.46
C GLY A 76 -9.06 -12.15 -12.86
N LEU A 77 -10.04 -11.76 -12.06
CA LEU A 77 -10.08 -10.40 -11.50
C LEU A 77 -9.11 -10.18 -10.32
N ALA A 78 -9.04 -11.17 -9.40
CA ALA A 78 -8.04 -11.15 -8.27
C ALA A 78 -6.69 -10.79 -8.76
N ALA A 79 -6.26 -11.51 -9.80
CA ALA A 79 -5.03 -11.30 -10.55
C ALA A 79 -5.00 -9.94 -11.23
N ALA A 80 -6.06 -9.64 -11.99
CA ALA A 80 -6.05 -8.36 -12.74
C ALA A 80 -5.92 -7.18 -11.80
N VAL A 81 -6.44 -7.29 -10.58
CA VAL A 81 -6.41 -6.12 -9.71
C VAL A 81 -5.08 -5.99 -8.99
N ASP A 82 -4.55 -7.12 -8.60
CA ASP A 82 -3.38 -7.16 -7.79
C ASP A 82 -2.29 -6.54 -8.68
N THR A 83 -2.27 -7.00 -9.93
CA THR A 83 -1.29 -6.56 -10.94
C THR A 83 -1.33 -5.05 -11.36
N GLY A 84 -2.51 -4.42 -11.31
CA GLY A 84 -2.61 -2.99 -11.67
C GLY A 84 -2.36 -2.09 -10.47
N THR A 85 -2.18 -2.70 -9.30
CA THR A 85 -1.85 -1.96 -8.06
C THR A 85 -0.42 -2.23 -7.63
N GLU A 86 0.09 -1.39 -6.75
CA GLU A 86 1.35 -1.76 -6.21
C GLU A 86 1.15 -2.53 -4.90
N SER A 87 1.00 -1.79 -3.81
CA SER A 87 1.01 -2.37 -2.45
C SER A 87 2.12 -1.66 -1.69
N ASP A 88 1.82 -1.30 -0.46
CA ASP A 88 2.65 -0.31 0.21
C ASP A 88 2.36 -0.50 1.63
N LEU A 89 3.38 -0.89 2.38
CA LEU A 89 3.23 -1.14 3.80
C LEU A 89 4.33 -0.53 4.60
N VAL A 90 4.09 -0.46 5.91
CA VAL A 90 5.05 0.01 6.89
C VAL A 90 5.05 -0.91 8.11
N GLY A 91 6.23 -1.31 8.59
CA GLY A 91 6.35 -1.79 9.98
C GLY A 91 7.77 -2.03 10.50
N VAL A 92 7.97 -3.07 11.32
CA VAL A 92 9.31 -3.38 11.89
C VAL A 92 9.60 -4.84 11.70
N ARG A 93 10.87 -5.16 11.46
CA ARG A 93 11.28 -6.58 11.32
C ARG A 93 11.20 -7.39 12.65
N ARG A 94 10.22 -8.29 12.75
CA ARG A 94 10.07 -9.18 13.94
C ARG A 94 9.03 -10.31 13.77
N ASN A 95 9.50 -11.52 13.52
CA ASN A 95 10.87 -11.77 13.13
C ASN A 95 10.80 -12.52 11.83
N GLY A 96 11.37 -11.91 10.79
CA GLY A 96 11.21 -12.38 9.42
C GLY A 96 9.88 -11.92 8.86
N GLN A 97 8.96 -11.59 9.78
CA GLN A 97 7.61 -11.07 9.47
C GLN A 97 7.61 -9.57 9.66
N LEU A 98 6.77 -8.88 8.91
CA LEU A 98 6.59 -7.43 9.11
C LEU A 98 5.53 -7.15 10.13
N VAL A 99 5.86 -6.34 11.12
CA VAL A 99 4.93 -6.08 12.20
C VAL A 99 4.39 -4.71 12.00
N THR A 100 3.10 -4.62 11.71
CA THR A 100 2.56 -3.31 11.46
C THR A 100 1.29 -3.03 12.25
N ARG A 101 1.25 -1.89 12.89
CA ARG A 101 0.06 -1.53 13.63
C ARG A 101 -1.15 -1.40 12.71
N ARG A 102 -2.33 -1.53 13.32
CA ARG A 102 -3.64 -1.51 12.66
C ARG A 102 -3.85 -2.68 11.68
N LEU A 103 -2.78 -3.46 11.44
CA LEU A 103 -2.78 -4.49 10.39
C LEU A 103 -2.24 -5.89 10.78
N GLY A 104 -1.89 -6.05 12.06
CA GLY A 104 -1.25 -7.27 12.54
C GLY A 104 0.04 -7.58 11.76
N ALA A 105 0.67 -8.70 12.12
CA ALA A 105 1.92 -9.18 11.51
C ALA A 105 1.63 -9.72 10.11
N THR A 106 2.40 -9.28 9.12
CA THR A 106 2.30 -9.76 7.72
C THR A 106 3.62 -10.53 7.37
N ALA A 107 3.54 -11.75 6.82
CA ALA A 107 4.79 -12.46 6.40
C ALA A 107 5.20 -12.22 4.93
N ILE A 108 5.98 -11.16 4.69
CA ILE A 108 6.64 -10.92 3.42
C ILE A 108 8.01 -11.56 3.54
N ALA A 109 8.58 -11.91 2.38
CA ALA A 109 9.98 -12.33 2.20
C ALA A 109 10.97 -11.26 2.61
N LEU A 110 11.43 -11.14 3.84
CA LEU A 110 12.22 -9.94 4.10
C LEU A 110 13.73 -10.11 3.73
N PRO A 111 14.16 -9.56 2.57
CA PRO A 111 15.49 -9.74 2.06
C PRO A 111 16.53 -9.87 3.17
N ALA A 112 17.63 -10.54 2.87
CA ALA A 112 18.73 -10.80 3.80
C ALA A 112 19.19 -9.63 4.76
N PRO A 113 19.44 -8.40 4.21
CA PRO A 113 20.02 -7.26 4.91
C PRO A 113 19.20 -6.43 5.92
N ILE A 114 17.89 -6.64 5.99
CA ILE A 114 17.16 -5.85 6.93
C ILE A 114 17.23 -6.45 8.30
N PRO A 115 17.87 -5.73 9.24
CA PRO A 115 18.00 -6.41 10.52
C PRO A 115 16.69 -6.54 11.23
N GLU A 116 16.58 -7.57 12.08
CA GLU A 116 15.48 -7.59 13.04
C GLU A 116 15.43 -6.23 13.72
N GLY A 117 14.22 -5.75 13.98
CA GLY A 117 14.04 -4.52 14.69
C GLY A 117 14.15 -3.25 13.86
N ALA A 118 14.70 -3.32 12.65
CA ALA A 118 14.73 -2.12 11.78
C ALA A 118 13.32 -1.49 11.56
N VAL A 119 13.25 -0.23 11.14
CA VAL A 119 11.94 0.27 10.62
C VAL A 119 11.93 0.22 9.08
N VAL A 120 10.84 -0.24 8.46
CA VAL A 120 10.81 -0.65 7.01
C VAL A 120 9.55 -0.22 6.26
N ALA A 121 9.70 0.55 5.19
CA ALA A 121 8.58 0.74 4.37
C ALA A 121 8.81 -0.01 3.10
N VAL A 122 7.76 -0.68 2.59
CA VAL A 122 7.86 -1.45 1.36
C VAL A 122 7.05 -0.86 0.20
N LYS A 123 7.49 -0.96 -1.04
CA LYS A 123 6.62 -0.70 -2.22
C LYS A 123 6.92 -1.59 -3.42
N GLU A 124 5.86 -2.12 -4.03
CA GLU A 124 5.96 -2.97 -5.23
C GLU A 124 5.90 -2.19 -6.55
N GLY A 125 5.87 -2.85 -7.72
CA GLY A 125 5.68 -2.13 -9.06
C GLY A 125 5.05 -2.81 -10.31
N HIS A 126 3.71 -2.84 -10.39
CA HIS A 126 2.84 -3.33 -11.55
C HIS A 126 3.17 -4.48 -12.58
N HIS A 127 3.70 -4.16 -13.77
CA HIS A 127 3.53 -4.97 -15.04
C HIS A 127 2.13 -5.55 -15.19
N GLU B 8 9.94 18.25 24.48
CA GLU B 8 8.48 18.04 24.39
C GLU B 8 8.16 17.28 23.13
N LEU B 9 8.86 17.60 22.04
CA LEU B 9 8.48 17.16 20.70
C LEU B 9 9.72 16.73 19.88
N ALA B 10 9.51 15.70 19.06
CA ALA B 10 10.53 15.19 18.19
C ALA B 10 10.09 15.43 16.77
N GLU B 11 11.05 15.71 15.92
CA GLU B 11 10.72 15.70 14.55
C GLU B 11 11.50 14.62 13.75
N VAL B 12 11.60 13.46 14.39
CA VAL B 12 11.74 12.15 13.71
C VAL B 12 10.81 12.08 12.53
N ASP B 13 9.96 13.09 12.47
CA ASP B 13 8.99 13.31 11.43
C ASP B 13 9.70 13.83 10.14
N THR B 14 10.79 14.54 10.35
CA THR B 14 11.70 14.91 9.29
C THR B 14 12.39 13.62 8.83
N LEU B 15 12.90 12.87 9.77
CA LEU B 15 13.49 11.64 9.38
C LEU B 15 12.56 10.63 8.64
N ALA B 16 11.29 10.56 9.05
CA ALA B 16 10.32 9.66 8.42
C ALA B 16 10.05 10.11 7.00
N ARG B 17 9.78 11.39 6.84
CA ARG B 17 9.76 12.08 5.55
C ARG B 17 11.01 11.82 4.62
N SER B 18 12.23 11.88 5.15
CA SER B 18 13.43 11.52 4.35
C SER B 18 13.39 10.04 3.92
N LEU B 19 13.13 9.15 4.88
CA LEU B 19 12.86 7.81 4.51
C LEU B 19 11.87 7.73 3.30
N LEU B 20 10.70 8.37 3.43
CA LEU B 20 9.65 8.17 2.40
C LEU B 20 10.18 8.67 1.07
N LEU B 21 10.89 9.76 1.19
CA LEU B 21 11.43 10.37 0.01
C LEU B 21 12.49 9.49 -0.65
N TYR B 22 13.32 8.81 0.15
CA TYR B 22 14.38 7.91 -0.39
C TYR B 22 13.72 6.71 -1.02
N ARG B 23 12.77 6.17 -0.25
CA ARG B 23 11.96 5.07 -0.75
C ARG B 23 11.46 5.31 -2.19
N SER B 24 10.95 6.49 -2.45
CA SER B 24 10.34 6.69 -3.76
C SER B 24 11.36 6.70 -4.86
N ARG B 25 12.56 7.21 -4.56
CA ARG B 25 13.71 7.11 -5.51
C ARG B 25 14.12 5.71 -5.84
N LEU B 26 14.08 4.81 -4.88
CA LEU B 26 14.13 3.37 -5.20
C LEU B 26 12.90 2.90 -5.98
N ALA B 27 11.67 3.22 -5.53
CA ALA B 27 10.48 2.70 -6.23
C ALA B 27 10.76 2.86 -7.71
N GLU B 28 11.23 4.03 -8.10
CA GLU B 28 11.06 4.38 -9.50
C GLU B 28 12.24 4.03 -10.35
N TYR B 29 13.41 4.04 -9.75
CA TYR B 29 14.55 3.50 -10.37
C TYR B 29 14.27 2.02 -10.56
N ALA B 30 13.76 1.34 -9.51
CA ALA B 30 13.45 -0.08 -9.59
C ALA B 30 12.72 -0.45 -10.89
N HIS B 31 11.64 0.25 -11.19
CA HIS B 31 10.98 0.20 -12.49
C HIS B 31 12.00 0.47 -13.65
N ALA B 32 12.37 1.74 -13.85
CA ALA B 32 13.40 2.18 -14.81
C ALA B 32 14.73 1.53 -14.49
N ASN B 33 14.73 0.20 -14.52
CA ASN B 33 15.90 -0.69 -14.35
C ASN B 33 15.49 -2.08 -13.87
N PRO B 34 14.65 -2.77 -14.67
CA PRO B 34 14.09 -4.05 -14.29
C PRO B 34 15.14 -5.15 -14.25
N GLY B 35 15.01 -6.01 -13.22
CA GLY B 35 15.98 -7.07 -12.94
C GLY B 35 17.14 -6.45 -12.17
N PHE B 36 17.00 -6.36 -10.85
CA PHE B 36 18.00 -5.74 -10.01
C PHE B 36 17.75 -6.10 -8.56
N SER B 37 18.83 -6.27 -7.79
CA SER B 37 18.65 -6.50 -6.37
C SER B 37 19.44 -5.59 -5.46
N GLY B 38 19.02 -4.33 -5.50
CA GLY B 38 19.66 -3.25 -4.76
C GLY B 38 21.14 -3.20 -5.06
N SER B 39 21.88 -2.54 -4.21
CA SER B 39 21.36 -1.83 -3.11
C SER B 39 21.92 -0.51 -3.53
N PRO B 40 21.32 0.13 -4.57
CA PRO B 40 22.06 1.15 -5.31
C PRO B 40 22.61 2.30 -4.46
N ALA B 41 23.80 2.81 -4.80
CA ALA B 41 24.27 4.07 -4.17
C ALA B 41 23.57 5.29 -4.71
N ASP B 42 23.37 6.21 -3.77
CA ASP B 42 22.51 7.41 -3.94
C ASP B 42 22.86 8.35 -5.13
N SER B 43 23.95 8.03 -5.86
CA SER B 43 24.38 8.84 -7.02
C SER B 43 23.45 8.47 -8.17
N ALA B 44 23.25 7.17 -8.32
CA ALA B 44 22.06 6.70 -8.98
C ALA B 44 20.95 7.28 -8.06
N LEU B 45 19.77 6.69 -8.11
CA LEU B 45 18.62 7.28 -7.38
C LEU B 45 18.34 8.75 -7.85
N GLY B 46 19.34 9.63 -7.89
CA GLY B 46 19.13 10.96 -8.51
C GLY B 46 18.56 11.89 -7.47
N LEU B 47 18.99 11.67 -6.24
CA LEU B 47 18.43 12.35 -5.10
C LEU B 47 18.68 13.87 -5.22
N PRO B 48 17.89 14.66 -4.49
CA PRO B 48 18.07 16.11 -4.48
C PRO B 48 19.45 16.57 -4.03
N ALA B 49 19.85 17.72 -4.57
CA ALA B 49 21.10 18.37 -4.31
C ALA B 49 21.28 18.42 -2.82
N TRP B 50 20.32 19.13 -2.19
CA TRP B 50 20.37 19.44 -0.75
C TRP B 50 20.37 18.24 0.19
N PHE B 51 19.72 17.14 -0.25
CA PHE B 51 19.58 15.94 0.56
C PHE B 51 20.91 15.30 0.79
N ARG B 52 21.27 15.18 2.07
CA ARG B 52 22.45 14.49 2.60
C ARG B 52 21.87 13.25 3.31
N LYS B 53 21.81 12.11 2.62
CA LYS B 53 21.18 10.94 3.24
C LYS B 53 21.93 10.66 4.53
N PRO B 54 21.19 10.30 5.60
CA PRO B 54 21.83 9.88 6.82
C PRO B 54 21.87 8.39 6.86
N VAL B 55 23.01 7.77 6.60
CA VAL B 55 22.98 6.39 6.96
C VAL B 55 22.67 6.53 8.47
N ARG B 56 21.73 5.75 9.00
CA ARG B 56 21.41 4.40 8.59
C ARG B 56 20.21 4.21 7.61
N LEU B 57 19.80 5.26 6.89
CA LEU B 57 18.79 5.12 5.79
C LEU B 57 19.31 4.24 4.68
N GLN B 58 18.78 3.03 4.69
CA GLN B 58 19.27 2.02 3.82
C GLN B 58 18.14 1.67 2.93
N GLY B 59 18.43 1.18 1.74
CA GLY B 59 17.39 0.73 0.87
C GLY B 59 17.85 -0.55 0.23
N TYR B 60 16.92 -1.35 -0.33
CA TYR B 60 17.19 -2.64 -1.01
C TYR B 60 16.14 -2.83 -2.13
N ILE B 61 16.35 -3.79 -3.00
CA ILE B 61 15.29 -4.14 -3.90
C ILE B 61 15.38 -5.63 -3.83
N ALA B 62 14.24 -6.25 -4.09
CA ALA B 62 14.13 -7.67 -4.14
C ALA B 62 12.79 -7.94 -4.86
N ALA B 63 12.79 -8.81 -5.88
CA ALA B 63 11.83 -8.70 -6.97
C ALA B 63 12.00 -7.26 -7.44
N GLY B 64 11.17 -6.76 -8.38
CA GLY B 64 11.08 -5.29 -8.65
C GLY B 64 10.35 -4.43 -7.57
N THR B 65 10.30 -4.94 -6.34
CA THR B 65 9.73 -4.24 -5.21
C THR B 65 10.89 -3.69 -4.38
N SER B 66 10.71 -2.52 -3.77
CA SER B 66 11.82 -1.99 -2.99
C SER B 66 11.49 -1.68 -1.53
N TYR B 67 12.52 -1.70 -0.67
CA TYR B 67 12.38 -1.38 0.71
C TYR B 67 13.35 -0.27 1.13
N ALA B 68 12.92 0.61 2.01
CA ALA B 68 13.86 1.57 2.60
C ALA B 68 13.81 1.37 4.10
N PHE B 69 14.96 1.28 4.79
CA PHE B 69 14.92 0.93 6.21
C PHE B 69 15.97 1.56 7.08
N ILE B 70 15.54 2.01 8.25
CA ILE B 70 16.47 2.38 9.29
C ILE B 70 16.70 1.19 10.18
N ALA B 71 17.94 0.68 10.06
CA ALA B 71 18.44 -0.54 10.66
C ALA B 71 18.22 -0.68 12.19
N SER B 72 18.37 0.41 12.95
CA SER B 72 17.97 0.33 14.35
C SER B 72 17.35 1.65 14.83
N PRO B 73 16.04 1.62 15.04
CA PRO B 73 15.23 2.82 14.94
C PRO B 73 15.37 3.69 16.16
N PRO B 74 15.08 4.98 16.00
CA PRO B 74 14.82 6.03 17.00
C PRO B 74 13.40 5.93 17.36
N ALA B 75 12.96 6.61 18.40
CA ALA B 75 11.60 6.36 18.90
C ALA B 75 10.54 7.29 18.33
N GLY B 76 9.36 6.74 18.07
CA GLY B 76 8.24 7.45 17.41
C GLY B 76 8.32 7.41 15.88
N LEU B 77 9.18 6.56 15.34
CA LEU B 77 9.63 6.59 13.91
C LEU B 77 8.75 5.71 13.05
N ALA B 78 8.35 4.57 13.63
CA ALA B 78 7.39 3.64 12.96
C ALA B 78 6.12 4.42 12.77
N ALA B 79 5.56 4.83 13.90
CA ALA B 79 4.35 5.59 13.88
C ALA B 79 4.48 6.68 12.84
N ALA B 80 5.35 7.65 13.11
CA ALA B 80 5.49 8.84 12.25
C ALA B 80 5.55 8.47 10.77
N VAL B 81 6.12 7.31 10.44
CA VAL B 81 6.24 6.86 9.02
C VAL B 81 4.97 6.23 8.50
N ASP B 82 4.32 5.42 9.33
CA ASP B 82 3.07 4.72 8.96
C ASP B 82 2.09 5.83 8.58
N THR B 83 2.06 6.85 9.42
CA THR B 83 1.29 8.03 9.14
C THR B 83 1.49 8.63 7.77
N GLY B 84 2.72 8.97 7.40
CA GLY B 84 2.95 9.67 6.13
C GLY B 84 2.83 8.81 4.89
N THR B 85 2.33 7.59 5.03
CA THR B 85 2.34 6.64 3.91
C THR B 85 0.96 6.41 3.27
N GLU B 86 -0.01 5.97 4.06
CA GLU B 86 -1.31 5.55 3.54
C GLU B 86 -1.51 4.03 3.62
N SER B 87 -1.19 3.32 2.54
CA SER B 87 -1.14 1.85 2.58
C SER B 87 -2.11 1.29 1.59
N ASP B 88 -1.76 0.15 0.98
CA ASP B 88 -2.51 -0.27 -0.19
C ASP B 88 -2.33 -1.71 -0.40
N LEU B 89 -3.44 -2.43 -0.28
CA LEU B 89 -3.48 -3.89 -0.48
C LEU B 89 -4.61 -4.21 -1.39
N VAL B 90 -4.57 -5.40 -1.96
CA VAL B 90 -5.73 -5.98 -2.61
C VAL B 90 -5.71 -7.45 -2.25
N GLY B 91 -6.85 -8.10 -2.27
CA GLY B 91 -6.90 -9.54 -2.11
C GLY B 91 -8.34 -9.97 -1.84
N VAL B 92 -8.57 -11.29 -1.77
CA VAL B 92 -9.90 -11.89 -1.72
C VAL B 92 -10.23 -12.07 -0.27
N ARG B 93 -11.52 -11.89 0.09
CA ARG B 93 -11.97 -12.01 1.47
C ARG B 93 -12.32 -13.40 1.87
N ARG B 94 -11.39 -14.04 2.56
CA ARG B 94 -11.65 -15.29 3.25
C ARG B 94 -11.75 -15.00 4.75
N ASN B 95 -12.80 -15.54 5.34
CA ASN B 95 -13.54 -14.70 6.25
C ASN B 95 -12.99 -14.45 7.60
N GLY B 96 -12.70 -13.16 7.77
CA GLY B 96 -11.94 -12.65 8.89
C GLY B 96 -10.61 -12.14 8.32
N GLN B 97 -10.44 -12.38 7.01
CA GLN B 97 -9.12 -12.20 6.34
C GLN B 97 -9.13 -11.60 4.91
N LEU B 98 -7.97 -11.05 4.51
CA LEU B 98 -7.71 -10.59 3.14
C LEU B 98 -6.53 -11.32 2.56
N VAL B 99 -6.81 -12.29 1.72
CA VAL B 99 -5.80 -13.15 1.17
C VAL B 99 -5.06 -12.51 0.00
N THR B 100 -3.86 -11.99 0.19
CA THR B 100 -3.09 -11.54 -1.00
C THR B 100 -1.86 -12.38 -1.34
N ARG B 101 -1.96 -13.13 -2.44
CA ARG B 101 -0.86 -14.02 -2.90
C ARG B 101 0.50 -13.34 -3.22
N ARG B 102 1.06 -12.61 -2.24
CA ARG B 102 2.52 -12.36 -2.13
C ARG B 102 2.85 -12.10 -0.66
N LEU B 103 1.82 -11.68 0.08
CA LEU B 103 1.98 -11.35 1.49
C LEU B 103 1.07 -12.22 2.36
N GLY B 104 0.63 -13.34 1.79
CA GLY B 104 -0.24 -14.29 2.47
C GLY B 104 -1.65 -13.74 2.77
N ALA B 105 -2.19 -14.19 3.91
CA ALA B 105 -3.46 -13.75 4.44
C ALA B 105 -3.21 -12.69 5.46
N THR B 106 -3.66 -11.49 5.18
CA THR B 106 -3.48 -10.34 6.04
C THR B 106 -4.83 -10.06 6.75
N ALA B 107 -4.81 -10.20 8.07
CA ALA B 107 -6.00 -10.16 8.93
C ALA B 107 -6.46 -8.74 9.20
N ILE B 108 -7.67 -8.39 8.74
CA ILE B 108 -8.20 -7.01 8.92
C ILE B 108 -9.63 -6.81 9.51
N ALA B 109 -9.81 -5.63 10.15
CA ALA B 109 -11.11 -4.92 10.30
C ALA B 109 -11.79 -4.79 8.94
N LEU B 110 -12.58 -5.80 8.51
CA LEU B 110 -13.14 -5.80 7.13
C LEU B 110 -14.62 -5.47 7.21
N PRO B 111 -15.06 -4.32 6.65
CA PRO B 111 -16.48 -4.00 6.81
C PRO B 111 -17.44 -5.18 6.58
N ALA B 112 -18.50 -5.18 7.39
CA ALA B 112 -19.64 -6.09 7.35
C ALA B 112 -20.21 -6.23 5.92
N PRO B 113 -20.38 -5.10 5.19
CA PRO B 113 -21.15 -5.18 3.97
C PRO B 113 -20.37 -5.79 2.86
N ILE B 114 -19.06 -5.73 2.96
CA ILE B 114 -18.24 -6.54 2.08
C ILE B 114 -18.32 -7.99 2.49
N PRO B 115 -18.92 -8.81 1.60
CA PRO B 115 -19.22 -10.15 2.07
C PRO B 115 -18.13 -11.06 1.63
N GLU B 116 -18.32 -12.34 1.89
CA GLU B 116 -17.39 -13.42 1.61
C GLU B 116 -16.93 -13.47 0.17
N GLY B 117 -15.70 -13.97 -0.03
CA GLY B 117 -15.11 -14.15 -1.34
C GLY B 117 -15.03 -12.90 -2.21
N ALA B 118 -15.36 -11.74 -1.68
CA ALA B 118 -15.33 -10.54 -2.57
C ALA B 118 -13.88 -10.16 -2.83
N VAL B 119 -13.54 -9.81 -4.09
CA VAL B 119 -12.21 -9.17 -4.34
C VAL B 119 -12.26 -7.70 -3.94
N VAL B 120 -11.19 -7.24 -3.32
CA VAL B 120 -11.17 -5.99 -2.54
C VAL B 120 -9.89 -5.11 -2.72
N ALA B 121 -10.07 -3.85 -3.04
CA ALA B 121 -8.94 -2.95 -3.02
C ALA B 121 -9.01 -2.01 -1.85
N VAL B 122 -7.91 -1.96 -1.09
CA VAL B 122 -7.89 -1.28 0.19
C VAL B 122 -6.91 -0.14 0.17
N LYS B 123 -7.34 1.05 0.53
CA LYS B 123 -6.47 2.20 0.40
C LYS B 123 -6.58 2.91 1.72
N GLU B 124 -5.74 2.55 2.69
CA GLU B 124 -5.84 3.32 3.91
C GLU B 124 -5.82 4.88 3.67
N GLY B 125 -6.63 5.57 4.47
CA GLY B 125 -6.87 7.00 4.33
C GLY B 125 -5.99 7.78 5.28
N HIS B 126 -4.86 7.15 5.67
CA HIS B 126 -3.80 7.69 6.57
C HIS B 126 -4.22 8.68 7.73
N HIS B 127 -5.51 8.70 8.05
CA HIS B 127 -5.99 9.40 9.23
C HIS B 127 -6.58 8.44 10.28
NI NI C . -3.74 15.10 4.97
NI NI D . 5.02 0.19 -16.01
#